data_1NXY
#
_entry.id   1NXY
#
_cell.length_a   73.625
_cell.length_b   34.560
_cell.length_c   105.360
_cell.angle_alpha   90.00
_cell.angle_beta   90.00
_cell.angle_gamma   90.00
#
_symmetry.space_group_name_H-M   'P 21 21 21'
#
loop_
_entity.id
_entity.type
_entity.pdbx_description
1 polymer 'Beta-lactamase TEM'
2 non-polymer 'POTASSIUM ION'
3 non-polymer '(1R)-1-(2-THIENYLACETYLAMINO)-1-(3-CARBOXYPHENYL)METHYLBORONIC ACID'
4 water water
#
_entity_poly.entity_id   1
_entity_poly.type   'polypeptide(L)'
_entity_poly.pdbx_seq_one_letter_code
;HPETLVKVKDAEDQLGARVGYIELDLNSGKILESFRPEERFPMMSTFKVLLCGAVLSRVDAGQEQLGRRIHYSQNDLVEY
SPVTEKHLTDGMTVRELCSAAITMSDNTAANLLLTTIGGPKELTAFLHNMGDHVTRLDRWEPELNEAIPNDERDTTTPAA
MATTLRKLLTGELLTLASRQQLIDWMEADKVAGPLLRSALPAGWFIADKSGAGERGSRGIIAALGPDGKPSRIVVIYTTG
SQATMDERNRQIAEIGASLIKHW
;
_entity_poly.pdbx_strand_id   A
#
loop_
_chem_comp.id
_chem_comp.type
_chem_comp.name
_chem_comp.formula
K non-polymer 'POTASSIUM ION' 'K 1'
SM2 non-polymer '(1R)-1-(2-THIENYLACETYLAMINO)-1-(3-CARBOXYPHENYL)METHYLBORONIC ACID' 'C14 H14 B N O5 S'
#
# COMPACT_ATOMS: atom_id res chain seq x y z
N HIS A 1 -9.04 4.14 -18.90
CA HIS A 1 -9.91 3.84 -20.07
C HIS A 1 -11.39 3.87 -19.65
N PRO A 2 -12.26 4.36 -20.54
CA PRO A 2 -13.69 4.42 -20.22
C PRO A 2 -14.32 3.16 -19.65
N GLU A 3 -13.95 2.00 -20.18
CA GLU A 3 -14.50 0.74 -19.73
C GLU A 3 -14.07 0.42 -18.31
N THR A 4 -12.87 0.85 -17.93
CA THR A 4 -12.44 0.58 -16.57
C THR A 4 -13.26 1.43 -15.62
N LEU A 5 -13.55 2.66 -16.04
N LEU A 5 -13.55 2.65 -16.05
CA LEU A 5 -14.36 3.56 -15.22
CA LEU A 5 -14.35 3.57 -15.25
C LEU A 5 -15.75 2.94 -15.02
C LEU A 5 -15.75 2.96 -15.03
N VAL A 6 -16.27 2.31 -16.07
CA VAL A 6 -17.59 1.67 -15.98
C VAL A 6 -17.54 0.62 -14.90
N LYS A 7 -16.49 -0.18 -14.90
N LYS A 7 -16.48 -0.18 -14.90
CA LYS A 7 -16.35 -1.23 -13.89
CA LYS A 7 -16.32 -1.23 -13.90
C LYS A 7 -16.19 -0.68 -12.48
C LYS A 7 -16.16 -0.69 -12.48
N VAL A 8 -15.51 0.47 -12.35
CA VAL A 8 -15.31 1.06 -11.04
C VAL A 8 -16.64 1.54 -10.49
N LYS A 9 -17.46 2.11 -11.38
CA LYS A 9 -18.77 2.56 -10.96
C LYS A 9 -19.68 1.36 -10.66
N ASP A 10 -19.53 0.28 -11.41
N ASP A 10 -19.50 0.28 -11.43
CA ASP A 10 -20.30 -0.95 -11.13
CA ASP A 10 -20.25 -0.96 -11.25
C ASP A 10 -19.97 -1.41 -9.73
C ASP A 10 -19.94 -1.54 -9.86
N ALA A 11 -18.67 -1.50 -9.47
CA ALA A 11 -18.21 -1.97 -8.17
C ALA A 11 -18.84 -1.15 -7.04
N GLU A 12 -18.77 0.17 -7.16
N GLU A 12 -18.90 0.17 -7.19
CA GLU A 12 -19.31 1.03 -6.12
CA GLU A 12 -19.50 0.99 -6.16
C GLU A 12 -20.78 0.75 -5.84
C GLU A 12 -20.98 0.66 -6.00
N ASP A 13 -21.54 0.42 -6.88
N ASP A 13 -21.66 0.37 -7.11
CA ASP A 13 -22.95 0.12 -6.69
CA ASP A 13 -23.08 0.04 -7.06
C ASP A 13 -23.11 -1.28 -6.10
C ASP A 13 -23.35 -1.32 -6.41
N GLN A 14 -22.50 -2.28 -6.74
CA GLN A 14 -22.63 -3.64 -6.22
C GLN A 14 -22.20 -3.77 -4.76
N LEU A 15 -21.23 -2.96 -4.34
CA LEU A 15 -20.75 -3.01 -2.97
C LEU A 15 -21.53 -2.08 -2.06
N GLY A 16 -22.29 -1.19 -2.67
CA GLY A 16 -23.06 -0.21 -1.91
C GLY A 16 -22.13 0.64 -1.05
N ALA A 17 -20.99 1.04 -1.60
CA ALA A 17 -20.04 1.84 -0.84
C ALA A 17 -19.14 2.58 -1.83
N ARG A 18 -18.51 3.65 -1.36
N ARG A 18 -18.51 3.66 -1.37
CA ARG A 18 -17.62 4.45 -2.19
CA ARG A 18 -17.64 4.45 -2.24
C ARG A 18 -16.41 3.64 -2.63
C ARG A 18 -16.35 3.74 -2.60
N VAL A 19 -15.97 3.88 -3.86
CA VAL A 19 -14.75 3.27 -4.40
C VAL A 19 -13.93 4.44 -4.95
N GLY A 20 -12.64 4.48 -4.60
CA GLY A 20 -11.76 5.53 -5.08
C GLY A 20 -10.78 4.88 -6.06
N TYR A 21 -10.46 5.57 -7.15
CA TYR A 21 -9.57 5.00 -8.17
C TYR A 21 -8.75 6.02 -8.93
N ILE A 22 -7.52 5.66 -9.22
CA ILE A 22 -6.74 6.56 -10.04
C ILE A 22 -5.65 5.75 -10.72
N GLU A 23 -5.29 6.16 -11.92
N GLU A 23 -5.31 6.18 -11.92
CA GLU A 23 -4.29 5.46 -12.72
CA GLU A 23 -4.27 5.56 -12.71
C GLU A 23 -3.35 6.54 -13.25
C GLU A 23 -3.35 6.69 -13.05
N LEU A 24 -2.06 6.45 -12.91
CA LEU A 24 -1.07 7.46 -13.30
C LEU A 24 -0.03 6.87 -14.22
N ASP A 25 0.39 7.65 -15.21
CA ASP A 25 1.47 7.19 -16.09
C ASP A 25 2.71 7.27 -15.18
N LEU A 26 3.50 6.20 -15.13
CA LEU A 26 4.66 6.19 -14.26
C LEU A 26 5.72 7.21 -14.67
N ASN A 27 5.97 7.35 -15.97
CA ASN A 27 7.00 8.30 -16.42
C ASN A 27 6.62 9.77 -16.28
N SER A 28 5.44 10.14 -16.78
CA SER A 28 5.04 11.54 -16.73
C SER A 28 4.34 11.95 -15.45
N GLY A 29 3.69 10.98 -14.78
CA GLY A 29 3.01 11.30 -13.56
C GLY A 29 1.62 11.83 -13.82
N LYS A 30 1.24 11.89 -15.10
CA LYS A 30 -0.08 12.39 -15.50
C LYS A 30 -1.20 11.42 -15.17
N ILE A 31 -2.34 11.98 -14.77
CA ILE A 31 -3.51 11.17 -14.45
C ILE A 31 -4.19 10.64 -15.71
N LEU A 32 -4.26 9.32 -15.82
CA LEU A 32 -4.87 8.69 -16.99
C LEU A 32 -6.35 8.43 -16.83
N GLU A 33 -6.77 8.11 -15.60
CA GLU A 33 -8.17 7.77 -15.35
C GLU A 33 -8.40 7.99 -13.88
N SER A 34 -9.61 8.34 -13.46
CA SER A 34 -9.85 8.57 -12.05
C SER A 34 -11.33 8.58 -11.67
N PHE A 35 -11.59 8.30 -10.41
CA PHE A 35 -12.94 8.31 -9.84
C PHE A 35 -12.77 8.61 -8.34
N ARG A 36 -13.43 9.66 -7.85
CA ARG A 36 -13.32 10.09 -6.45
C ARG A 36 -11.86 10.23 -6.08
N PRO A 37 -11.05 10.81 -6.99
CA PRO A 37 -9.62 10.96 -6.70
C PRO A 37 -9.18 11.77 -5.51
N GLU A 38 -10.00 12.73 -5.09
CA GLU A 38 -9.65 13.61 -3.98
C GLU A 38 -10.41 13.29 -2.72
N GLU A 39 -11.13 12.17 -2.69
CA GLU A 39 -11.90 11.80 -1.50
C GLU A 39 -11.05 10.94 -0.60
N ARG A 40 -11.24 11.08 0.71
CA ARG A 40 -10.46 10.32 1.68
C ARG A 40 -10.93 8.89 1.94
N PHE A 41 -9.97 8.00 2.13
CA PHE A 41 -10.22 6.59 2.42
C PHE A 41 -9.18 6.10 3.41
N PRO A 42 -9.56 5.13 4.26
CA PRO A 42 -8.58 4.59 5.22
C PRO A 42 -7.44 3.91 4.43
N MET A 43 -6.19 4.19 4.78
CA MET A 43 -5.04 3.57 4.07
C MET A 43 -4.86 2.10 4.41
N MET A 44 -5.16 1.74 5.66
CA MET A 44 -4.96 0.37 6.10
C MET A 44 -3.48 0.01 5.88
N SER A 45 -3.21 -1.24 5.53
CA SER A 45 -1.84 -1.72 5.36
C SER A 45 -1.06 -1.08 4.20
N THR A 46 -1.73 -0.33 3.31
CA THR A 46 -0.98 0.29 2.22
C THR A 46 0.03 1.31 2.75
N PHE A 47 -0.18 1.78 3.99
CA PHE A 47 0.78 2.74 4.56
C PHE A 47 2.15 2.10 4.75
N LYS A 48 2.22 0.77 4.82
CA LYS A 48 3.49 0.10 5.05
C LYS A 48 4.57 0.39 4.00
N VAL A 49 4.15 0.70 2.78
CA VAL A 49 5.10 1.04 1.74
C VAL A 49 5.67 2.44 2.03
N LEU A 50 4.80 3.35 2.50
CA LEU A 50 5.24 4.72 2.80
C LEU A 50 6.23 4.67 3.98
N LEU A 51 5.92 3.83 4.95
CA LEU A 51 6.77 3.65 6.11
C LEU A 51 8.17 3.17 5.67
N CYS A 52 8.25 2.19 4.78
CA CYS A 52 9.57 1.73 4.37
C CYS A 52 10.28 2.75 3.47
N GLY A 53 9.51 3.63 2.82
CA GLY A 53 10.11 4.69 2.04
C GLY A 53 10.78 5.64 3.04
N ALA A 54 10.12 5.93 4.17
CA ALA A 54 10.72 6.82 5.20
C ALA A 54 11.97 6.17 5.78
N VAL A 55 11.93 4.85 5.97
CA VAL A 55 13.10 4.12 6.49
C VAL A 55 14.24 4.19 5.48
N LEU A 56 13.94 3.96 4.20
CA LEU A 56 14.97 4.01 3.18
C LEU A 56 15.55 5.44 3.07
N SER A 57 14.74 6.44 3.34
CA SER A 57 15.22 7.81 3.27
C SER A 57 16.29 7.99 4.36
N ARG A 58 16.04 7.43 5.53
N ARG A 58 16.03 7.44 5.54
CA ARG A 58 17.00 7.50 6.62
CA ARG A 58 16.98 7.50 6.64
C ARG A 58 18.26 6.76 6.22
C ARG A 58 18.26 6.72 6.29
N VAL A 59 18.11 5.60 5.61
CA VAL A 59 19.26 4.82 5.18
C VAL A 59 20.10 5.69 4.22
N ASP A 60 19.45 6.37 3.27
CA ASP A 60 20.15 7.23 2.34
C ASP A 60 20.87 8.37 3.07
N ALA A 61 20.29 8.83 4.16
CA ALA A 61 20.88 9.93 4.94
C ALA A 61 21.96 9.46 5.90
N GLY A 62 22.15 8.14 5.98
CA GLY A 62 23.15 7.59 6.89
C GLY A 62 22.67 7.50 8.33
N GLN A 63 21.36 7.65 8.52
CA GLN A 63 20.77 7.62 9.87
C GLN A 63 20.22 6.26 10.25
N GLU A 64 20.28 5.32 9.30
CA GLU A 64 19.75 3.99 9.53
C GLU A 64 20.51 3.03 8.64
N GLN A 65 20.53 1.75 9.01
CA GLN A 65 21.22 0.73 8.23
C GLN A 65 20.28 -0.45 8.06
N LEU A 66 20.11 -0.91 6.82
CA LEU A 66 19.23 -2.04 6.52
C LEU A 66 19.65 -3.31 7.26
N GLY A 67 20.93 -3.41 7.59
CA GLY A 67 21.42 -4.58 8.29
C GLY A 67 21.37 -4.47 9.81
N ARG A 68 20.88 -3.36 10.34
CA ARG A 68 20.80 -3.22 11.78
C ARG A 68 19.76 -4.19 12.36
N ARG A 69 20.13 -4.89 13.43
CA ARG A 69 19.22 -5.86 14.03
C ARG A 69 18.39 -5.28 15.17
N ILE A 70 17.08 -5.52 15.11
N ILE A 70 17.09 -5.54 15.10
CA ILE A 70 16.17 -5.04 16.14
CA ILE A 70 16.13 -5.08 16.09
C ILE A 70 15.60 -6.21 16.93
C ILE A 70 15.64 -6.26 16.93
N HIS A 71 15.78 -6.15 18.25
CA HIS A 71 15.30 -7.18 19.16
C HIS A 71 13.98 -6.71 19.77
N TYR A 72 13.08 -7.65 20.07
CA TYR A 72 11.79 -7.29 20.64
C TYR A 72 11.26 -8.45 21.46
N SER A 73 10.17 -8.23 22.19
CA SER A 73 9.62 -9.28 23.05
C SER A 73 8.20 -9.64 22.68
N GLN A 74 7.63 -10.58 23.43
CA GLN A 74 6.27 -10.99 23.18
C GLN A 74 5.31 -9.82 23.42
N ASN A 75 5.70 -8.88 24.30
N ASN A 75 5.72 -8.90 24.29
CA ASN A 75 4.85 -7.73 24.59
CA ASN A 75 4.91 -7.73 24.61
C ASN A 75 4.67 -6.80 23.40
C ASN A 75 4.71 -6.78 23.44
N ASP A 76 5.59 -6.87 22.46
CA ASP A 76 5.54 -6.03 21.26
C ASP A 76 4.65 -6.59 20.15
N LEU A 77 4.30 -7.87 20.27
CA LEU A 77 3.49 -8.53 19.24
C LEU A 77 2.04 -8.13 19.28
N VAL A 78 1.49 -7.88 18.10
CA VAL A 78 0.08 -7.55 17.97
C VAL A 78 -0.47 -8.52 16.93
N GLU A 79 -1.77 -8.45 16.71
CA GLU A 79 -2.40 -9.36 15.76
C GLU A 79 -1.80 -9.30 14.36
N TYR A 80 -1.88 -10.43 13.67
N TYR A 80 -1.89 -10.42 13.67
CA TYR A 80 -1.38 -10.61 12.33
CA TYR A 80 -1.36 -10.64 12.32
C TYR A 80 0.10 -10.27 12.19
C TYR A 80 0.10 -10.27 12.18
N SER A 81 0.95 -11.07 12.80
CA SER A 81 2.38 -10.86 12.75
C SER A 81 2.99 -12.22 12.44
N PRO A 82 2.65 -12.77 11.28
CA PRO A 82 3.16 -14.09 10.90
C PRO A 82 4.65 -14.29 10.88
N VAL A 83 5.39 -13.23 10.54
CA VAL A 83 6.83 -13.34 10.46
C VAL A 83 7.53 -12.96 11.77
N THR A 84 7.19 -11.81 12.34
CA THR A 84 7.84 -11.39 13.56
C THR A 84 7.58 -12.35 14.73
N GLU A 85 6.46 -13.04 14.73
N GLU A 85 6.45 -13.05 14.71
CA GLU A 85 6.21 -13.95 15.86
CA GLU A 85 6.14 -14.02 15.77
C GLU A 85 7.18 -15.13 15.86
C GLU A 85 7.17 -15.12 15.85
N LYS A 86 7.88 -15.35 14.74
CA LYS A 86 8.85 -16.43 14.68
C LYS A 86 10.27 -16.02 14.99
N HIS A 87 10.49 -14.75 15.28
CA HIS A 87 11.85 -14.29 15.53
C HIS A 87 12.10 -13.58 16.84
N LEU A 88 11.37 -13.97 17.88
CA LEU A 88 11.58 -13.37 19.19
C LEU A 88 12.99 -13.64 19.73
N THR A 89 13.55 -14.81 19.43
CA THR A 89 14.86 -15.09 19.98
C THR A 89 16.04 -14.43 19.28
N ASP A 90 16.01 -14.42 17.95
N ASP A 90 16.05 -14.42 17.94
CA ASP A 90 17.09 -13.86 17.15
CA ASP A 90 17.16 -13.81 17.22
C ASP A 90 16.89 -12.41 16.68
C ASP A 90 16.92 -12.38 16.73
N GLY A 91 15.67 -11.92 16.79
CA GLY A 91 15.39 -10.56 16.33
C GLY A 91 15.35 -10.54 14.80
N MET A 92 15.25 -9.35 14.22
CA MET A 92 15.17 -9.21 12.76
C MET A 92 15.86 -7.93 12.35
N THR A 93 16.50 -7.93 11.19
CA THR A 93 17.13 -6.71 10.70
C THR A 93 16.07 -5.79 10.10
N VAL A 94 16.46 -4.52 9.93
CA VAL A 94 15.59 -3.52 9.35
C VAL A 94 15.09 -3.98 7.96
N ARG A 95 15.96 -4.53 7.11
N ARG A 95 15.98 -4.54 7.14
CA ARG A 95 15.44 -4.96 5.81
CA ARG A 95 15.57 -5.01 5.82
C ARG A 95 14.49 -6.14 5.98
C ARG A 95 14.57 -6.17 5.92
N GLU A 96 14.78 -7.04 6.90
CA GLU A 96 13.89 -8.16 7.11
C GLU A 96 12.52 -7.65 7.59
N LEU A 97 12.52 -6.56 8.36
CA LEU A 97 11.28 -6.02 8.87
C LEU A 97 10.48 -5.35 7.74
N CYS A 98 11.15 -4.61 6.87
CA CYS A 98 10.45 -4.00 5.73
C CYS A 98 9.92 -5.10 4.81
N SER A 99 10.69 -6.16 4.62
CA SER A 99 10.22 -7.26 3.79
C SER A 99 8.98 -7.89 4.43
N ALA A 100 9.02 -8.11 5.75
CA ALA A 100 7.84 -8.72 6.39
C ALA A 100 6.64 -7.76 6.34
N ALA A 101 6.87 -6.47 6.58
CA ALA A 101 5.77 -5.48 6.57
C ALA A 101 5.09 -5.39 5.19
N ILE A 102 5.92 -5.36 4.15
CA ILE A 102 5.39 -5.22 2.81
C ILE A 102 4.91 -6.52 2.16
N THR A 103 5.71 -7.57 2.23
CA THR A 103 5.30 -8.82 1.57
C THR A 103 4.28 -9.67 2.31
N MET A 104 4.24 -9.54 3.63
CA MET A 104 3.32 -10.32 4.44
C MET A 104 2.33 -9.49 5.23
N SER A 105 2.49 -8.16 5.14
N SER A 105 2.44 -8.16 5.14
CA SER A 105 1.63 -7.21 5.85
CA SER A 105 1.55 -7.27 5.88
C SER A 105 1.75 -7.41 7.36
C SER A 105 1.72 -7.48 7.37
N ASP A 106 2.94 -7.82 7.80
CA ASP A 106 3.19 -8.08 9.21
C ASP A 106 2.98 -6.82 10.05
N ASN A 107 2.04 -6.88 10.99
CA ASN A 107 1.74 -5.69 11.80
C ASN A 107 2.82 -5.29 12.81
N THR A 108 3.40 -6.27 13.50
CA THR A 108 4.43 -5.93 14.47
C THR A 108 5.66 -5.39 13.75
N ALA A 109 5.95 -5.92 12.57
CA ALA A 109 7.09 -5.42 11.82
C ALA A 109 6.86 -3.92 11.56
N ALA A 110 5.63 -3.57 11.15
CA ALA A 110 5.29 -2.19 10.88
C ALA A 110 5.45 -1.34 12.14
N ASN A 111 4.94 -1.84 13.28
CA ASN A 111 5.09 -1.07 14.52
C ASN A 111 6.55 -0.87 14.93
N LEU A 112 7.37 -1.91 14.83
CA LEU A 112 8.79 -1.80 15.16
C LEU A 112 9.46 -0.75 14.28
N LEU A 113 9.14 -0.74 12.99
CA LEU A 113 9.72 0.23 12.07
C LEU A 113 9.21 1.64 12.40
N LEU A 114 7.94 1.75 12.79
CA LEU A 114 7.40 3.05 13.16
C LEU A 114 8.18 3.55 14.37
N THR A 115 8.56 2.64 15.26
CA THR A 115 9.32 3.04 16.44
C THR A 115 10.70 3.59 16.05
N THR A 116 11.35 2.98 15.06
CA THR A 116 12.67 3.46 14.64
C THR A 116 12.61 4.90 14.14
N ILE A 117 11.50 5.32 13.56
CA ILE A 117 11.44 6.68 13.03
C ILE A 117 10.77 7.68 13.97
N GLY A 118 10.23 7.20 15.10
CA GLY A 118 9.60 8.11 16.04
C GLY A 118 8.08 8.08 16.10
N GLY A 119 7.46 7.10 15.43
CA GLY A 119 6.02 6.98 15.47
C GLY A 119 5.20 7.54 14.31
N PRO A 120 3.88 7.35 14.34
CA PRO A 120 2.96 7.83 13.30
C PRO A 120 3.16 9.32 12.94
N LYS A 121 3.36 10.15 13.96
N LYS A 121 3.30 10.16 13.96
CA LYS A 121 3.56 11.57 13.72
CA LYS A 121 3.46 11.59 13.72
C LYS A 121 4.79 11.87 12.87
C LYS A 121 4.66 11.89 12.85
N GLU A 122 5.82 11.04 12.99
N GLU A 122 5.73 11.11 12.99
CA GLU A 122 7.03 11.27 12.20
CA GLU A 122 6.93 11.32 12.21
C GLU A 122 6.89 10.72 10.78
C GLU A 122 6.75 10.85 10.77
N LEU A 123 6.00 9.76 10.59
CA LEU A 123 5.76 9.26 9.24
C LEU A 123 4.97 10.35 8.53
N THR A 124 4.02 10.95 9.24
CA THR A 124 3.23 12.03 8.63
C THR A 124 4.14 13.21 8.31
N ALA A 125 5.10 13.49 9.19
CA ALA A 125 6.04 14.58 8.96
C ALA A 125 6.87 14.26 7.70
N PHE A 126 7.30 13.02 7.57
CA PHE A 126 8.08 12.62 6.41
C PHE A 126 7.27 12.86 5.14
N LEU A 127 5.99 12.51 5.19
CA LEU A 127 5.11 12.70 4.02
C LEU A 127 4.94 14.19 3.71
N HIS A 128 4.70 14.98 4.74
CA HIS A 128 4.55 16.41 4.55
C HIS A 128 5.85 16.99 3.97
N ASN A 129 7.00 16.54 4.47
CA ASN A 129 8.29 17.03 4.01
C ASN A 129 8.65 16.65 2.58
N MET A 130 7.86 15.76 1.98
N MET A 130 7.86 15.78 1.96
CA MET A 130 8.11 15.37 0.59
CA MET A 130 8.15 15.42 0.59
C MET A 130 7.01 15.88 -0.34
C MET A 130 7.02 15.89 -0.34
N GLY A 131 6.19 16.79 0.17
CA GLY A 131 5.12 17.36 -0.65
C GLY A 131 3.72 16.82 -0.52
N ASP A 132 3.53 15.78 0.29
CA ASP A 132 2.19 15.21 0.48
C ASP A 132 1.59 15.82 1.74
N HIS A 133 0.68 16.78 1.56
CA HIS A 133 0.03 17.45 2.69
C HIS A 133 -1.36 16.89 2.96
N VAL A 134 -1.65 15.69 2.44
CA VAL A 134 -2.97 15.06 2.60
C VAL A 134 -2.90 13.79 3.42
N THR A 135 -2.00 12.90 3.02
CA THR A 135 -1.85 11.62 3.72
C THR A 135 -1.42 11.78 5.15
N ARG A 136 -2.04 11.03 6.04
CA ARG A 136 -1.68 11.14 7.44
C ARG A 136 -1.82 9.81 8.16
N LEU A 137 -0.81 9.49 8.98
CA LEU A 137 -0.90 8.28 9.81
C LEU A 137 -0.98 8.80 11.26
N ASP A 138 -1.98 8.33 11.98
CA ASP A 138 -2.18 8.79 13.35
C ASP A 138 -2.03 7.73 14.42
N ARG A 139 -2.35 6.49 14.07
CA ARG A 139 -2.30 5.40 15.01
C ARG A 139 -1.36 4.29 14.56
N TRP A 140 -1.20 3.32 15.45
CA TRP A 140 -0.34 2.15 15.22
C TRP A 140 -1.20 0.97 14.81
N GLU A 141 -0.57 -0.14 14.44
CA GLU A 141 -1.32 -1.34 14.11
C GLU A 141 -1.72 -1.92 15.46
N PRO A 142 -2.95 -2.44 15.59
CA PRO A 142 -4.02 -2.56 14.60
C PRO A 142 -5.09 -1.46 14.61
N GLU A 143 -5.00 -0.50 15.53
CA GLU A 143 -6.04 0.52 15.64
C GLU A 143 -6.23 1.41 14.42
N LEU A 144 -5.18 1.56 13.61
CA LEU A 144 -5.30 2.42 12.42
C LEU A 144 -6.28 1.92 11.34
N ASN A 145 -6.82 0.72 11.51
CA ASN A 145 -7.77 0.13 10.56
C ASN A 145 -9.24 0.32 10.97
N GLU A 146 -9.46 1.10 12.04
CA GLU A 146 -10.82 1.28 12.56
C GLU A 146 -11.84 1.75 11.53
N ALA A 147 -11.39 2.64 10.64
CA ALA A 147 -12.25 3.14 9.56
C ALA A 147 -13.60 3.74 9.95
N ILE A 148 -13.62 4.52 11.04
CA ILE A 148 -14.87 5.18 11.45
C ILE A 148 -15.30 6.17 10.35
N PRO A 149 -16.59 6.18 9.97
CA PRO A 149 -17.03 7.10 8.93
C PRO A 149 -16.66 8.56 9.21
N ASN A 150 -16.17 9.24 8.18
CA ASN A 150 -15.76 10.64 8.26
C ASN A 150 -14.57 10.96 9.15
N ASP A 151 -13.97 9.93 9.74
CA ASP A 151 -12.80 10.10 10.60
C ASP A 151 -11.61 10.20 9.63
N GLU A 152 -10.86 11.30 9.71
CA GLU A 152 -9.73 11.48 8.80
C GLU A 152 -8.40 10.91 9.27
N ARG A 153 -8.41 10.28 10.44
N ARG A 153 -8.41 10.27 10.44
CA ARG A 153 -7.18 9.69 10.93
CA ARG A 153 -7.18 9.67 10.96
C ARG A 153 -6.81 8.52 10.01
C ARG A 153 -6.81 8.48 10.07
N ASP A 154 -5.51 8.32 9.82
CA ASP A 154 -5.02 7.21 9.01
C ASP A 154 -5.62 7.10 7.61
N THR A 155 -5.81 8.25 6.96
CA THR A 155 -6.37 8.25 5.63
C THR A 155 -5.45 8.89 4.59
N THR A 156 -5.80 8.65 3.33
CA THR A 156 -5.11 9.25 2.19
C THR A 156 -6.20 9.43 1.16
N THR A 157 -5.84 9.94 -0.01
CA THR A 157 -6.81 10.02 -1.08
C THR A 157 -6.18 9.22 -2.23
N PRO A 158 -7.00 8.76 -3.19
CA PRO A 158 -6.33 8.01 -4.26
C PRO A 158 -5.25 8.87 -4.94
N ALA A 159 -5.55 10.14 -5.21
CA ALA A 159 -4.56 11.00 -5.87
C ALA A 159 -3.29 11.27 -5.03
N ALA A 160 -3.42 11.52 -3.73
CA ALA A 160 -2.24 11.78 -2.93
C ALA A 160 -1.38 10.52 -2.83
N MET A 161 -2.02 9.38 -2.58
CA MET A 161 -1.26 8.14 -2.47
C MET A 161 -0.55 7.78 -3.78
N ALA A 162 -1.23 7.89 -4.90
CA ALA A 162 -0.60 7.56 -6.19
C ALA A 162 0.55 8.50 -6.49
N THR A 163 0.38 9.77 -6.17
CA THR A 163 1.42 10.76 -6.41
C THR A 163 2.62 10.48 -5.52
N THR A 164 2.37 10.20 -4.24
CA THR A 164 3.44 9.88 -3.29
C THR A 164 4.13 8.58 -3.67
N LEU A 165 3.36 7.56 -4.02
CA LEU A 165 3.97 6.29 -4.42
C LEU A 165 4.89 6.53 -5.62
N ARG A 166 4.41 7.28 -6.61
CA ARG A 166 5.27 7.56 -7.75
C ARG A 166 6.58 8.25 -7.32
N LYS A 167 6.50 9.24 -6.41
N LYS A 167 6.48 9.21 -6.40
CA LYS A 167 7.70 9.93 -5.96
CA LYS A 167 7.65 9.94 -5.93
C LYS A 167 8.67 8.99 -5.26
C LYS A 167 8.65 9.02 -5.25
N LEU A 168 8.17 8.04 -4.48
CA LEU A 168 9.07 7.12 -3.80
C LEU A 168 9.73 6.15 -4.78
N LEU A 169 9.04 5.81 -5.87
CA LEU A 169 9.58 4.84 -6.81
C LEU A 169 10.39 5.40 -7.96
N THR A 170 10.20 6.69 -8.25
N THR A 170 10.22 6.69 -8.26
CA THR A 170 10.90 7.37 -9.34
CA THR A 170 10.94 7.29 -9.39
C THR A 170 11.56 8.64 -8.84
C THR A 170 11.73 8.56 -9.06
N GLY A 171 12.21 9.37 -9.74
N GLY A 171 11.30 9.29 -8.04
CA GLY A 171 12.83 10.61 -9.34
CA GLY A 171 11.95 10.54 -7.67
C GLY A 171 14.11 10.55 -8.54
C GLY A 171 13.36 10.48 -7.09
N GLU A 172 14.27 11.48 -7.59
N GLU A 172 14.08 11.59 -7.25
CA GLU A 172 15.49 11.59 -6.78
CA GLU A 172 15.43 11.70 -6.74
C GLU A 172 15.38 11.65 -5.25
C GLU A 172 15.37 11.83 -5.24
N LEU A 173 14.16 11.65 -4.70
CA LEU A 173 13.96 11.72 -3.25
C LEU A 173 14.75 10.60 -2.58
N LEU A 174 14.72 9.43 -3.22
CA LEU A 174 15.44 8.26 -2.76
C LEU A 174 16.51 7.94 -3.80
N THR A 175 17.60 7.31 -3.35
CA THR A 175 18.69 6.93 -4.24
C THR A 175 18.20 5.81 -5.15
N LEU A 176 18.91 5.60 -6.27
N LEU A 176 18.92 5.60 -6.26
CA LEU A 176 18.53 4.56 -7.21
CA LEU A 176 18.55 4.56 -7.21
C LEU A 176 18.40 3.23 -6.48
C LEU A 176 18.41 3.22 -6.48
N ALA A 177 19.39 2.92 -5.63
CA ALA A 177 19.37 1.68 -4.87
C ALA A 177 18.15 1.57 -3.97
N SER A 178 17.79 2.66 -3.28
CA SER A 178 16.62 2.58 -2.41
C SER A 178 15.31 2.48 -3.20
N ARG A 179 15.22 3.17 -4.34
CA ARG A 179 14.01 3.07 -5.16
C ARG A 179 13.87 1.63 -5.64
N GLN A 180 14.98 1.01 -6.01
CA GLN A 180 14.92 -0.36 -6.49
C GLN A 180 14.55 -1.33 -5.38
N GLN A 181 15.06 -1.09 -4.18
CA GLN A 181 14.72 -1.98 -3.07
C GLN A 181 13.24 -1.87 -2.73
N LEU A 182 12.71 -0.63 -2.72
CA LEU A 182 11.32 -0.48 -2.37
C LEU A 182 10.42 -1.22 -3.37
N ILE A 183 10.67 -1.05 -4.64
CA ILE A 183 9.81 -1.72 -5.60
C ILE A 183 10.07 -3.24 -5.57
N ASP A 184 11.28 -3.67 -5.27
CA ASP A 184 11.53 -5.13 -5.18
C ASP A 184 10.73 -5.75 -4.03
N TRP A 185 10.59 -5.04 -2.91
CA TRP A 185 9.83 -5.56 -1.79
C TRP A 185 8.38 -5.68 -2.22
N MET A 186 7.87 -4.65 -2.92
CA MET A 186 6.48 -4.66 -3.39
C MET A 186 6.24 -5.77 -4.41
N GLU A 187 7.26 -6.06 -5.24
CA GLU A 187 7.10 -7.11 -6.23
C GLU A 187 6.91 -8.48 -5.55
N ALA A 188 7.52 -8.65 -4.38
N ALA A 188 7.47 -8.64 -4.36
CA ALA A 188 7.46 -9.92 -3.68
CA ALA A 188 7.30 -9.90 -3.63
C ALA A 188 6.26 -10.09 -2.74
C ALA A 188 5.96 -9.77 -2.89
N ASP A 189 5.30 -9.17 -2.83
N ASP A 189 5.17 -10.85 -2.85
CA ASP A 189 4.08 -9.20 -2.02
CA ASP A 189 3.88 -10.76 -2.18
C ASP A 189 3.48 -10.61 -2.11
C ASP A 189 3.35 -12.13 -1.77
N LYS A 190 3.22 -11.21 -0.95
N LYS A 190 2.60 -12.17 -0.68
CA LYS A 190 2.68 -12.56 -0.87
CA LYS A 190 2.03 -13.41 -0.18
C LYS A 190 1.20 -12.66 -0.51
C LYS A 190 0.64 -13.25 0.44
N VAL A 191 0.61 -11.56 -0.03
N VAL A 191 -0.06 -12.18 0.07
CA VAL A 191 -0.77 -11.64 0.40
CA VAL A 191 -1.40 -11.95 0.58
C VAL A 191 -1.83 -10.87 -0.37
C VAL A 191 -2.33 -11.27 -0.40
N ALA A 192 -1.51 -10.46 -1.59
N ALA A 192 -1.77 -10.50 -1.33
CA ALA A 192 -2.47 -9.72 -2.42
CA ALA A 192 -2.55 -9.76 -2.33
C ALA A 192 -2.95 -10.56 -3.60
C ALA A 192 -3.01 -10.57 -3.53
N GLY A 193 -2.79 -11.88 -3.49
CA GLY A 193 -3.19 -12.73 -4.58
C GLY A 193 -4.61 -12.56 -5.13
N PRO A 194 -5.62 -12.41 -4.26
CA PRO A 194 -6.99 -12.26 -4.77
C PRO A 194 -7.38 -10.92 -5.37
N LEU A 195 -6.45 -9.96 -5.41
CA LEU A 195 -6.76 -8.63 -5.93
C LEU A 195 -6.28 -8.45 -7.39
N LEU A 196 -5.49 -7.42 -7.70
CA LEU A 196 -5.03 -7.22 -9.10
C LEU A 196 -4.29 -8.43 -9.68
N ARG A 197 -3.51 -9.12 -8.86
CA ARG A 197 -2.75 -10.27 -9.33
C ARG A 197 -3.61 -11.39 -9.91
N SER A 198 -4.84 -11.51 -9.43
N SER A 198 -4.84 -11.47 -9.43
CA SER A 198 -5.69 -12.57 -9.91
CA SER A 198 -5.76 -12.50 -9.87
C SER A 198 -6.04 -12.42 -11.38
C SER A 198 -6.08 -12.41 -11.35
N ALA A 199 -6.03 -11.18 -11.87
CA ALA A 199 -6.33 -10.90 -13.27
C ALA A 199 -5.10 -10.62 -14.12
N LEU A 200 -3.92 -10.75 -13.54
CA LEU A 200 -2.69 -10.45 -14.27
C LEU A 200 -2.23 -11.55 -15.21
N PRO A 201 -2.04 -11.22 -16.50
CA PRO A 201 -1.59 -12.21 -17.49
C PRO A 201 -0.16 -12.64 -17.22
N ALA A 202 0.21 -13.82 -17.68
CA ALA A 202 1.56 -14.30 -17.51
C ALA A 202 2.49 -13.30 -18.21
N GLY A 203 3.61 -12.97 -17.58
CA GLY A 203 4.53 -12.04 -18.18
C GLY A 203 4.43 -10.59 -17.71
N TRP A 204 3.34 -10.24 -17.06
CA TRP A 204 3.20 -8.88 -16.57
C TRP A 204 3.89 -8.70 -15.23
N PHE A 205 4.40 -7.49 -15.03
CA PHE A 205 5.07 -7.13 -13.79
C PHE A 205 4.05 -6.46 -12.86
N ILE A 206 4.14 -6.77 -11.57
CA ILE A 206 3.30 -6.07 -10.60
C ILE A 206 4.07 -5.98 -9.28
N ALA A 207 4.07 -4.77 -8.72
CA ALA A 207 4.71 -4.49 -7.43
C ALA A 207 3.54 -3.84 -6.68
N ASP A 208 3.05 -4.48 -5.63
CA ASP A 208 1.90 -3.94 -4.95
C ASP A 208 1.91 -4.06 -3.42
N LYS A 209 0.85 -3.52 -2.84
CA LYS A 209 0.64 -3.61 -1.40
C LYS A 209 -0.85 -3.47 -1.17
N SER A 210 -1.45 -4.46 -0.51
CA SER A 210 -2.87 -4.40 -0.26
C SER A 210 -3.17 -3.90 1.14
N GLY A 211 -4.46 -3.73 1.40
CA GLY A 211 -4.91 -3.33 2.70
C GLY A 211 -6.31 -3.84 2.98
N ALA A 212 -6.58 -4.14 4.24
CA ALA A 212 -7.90 -4.56 4.67
C ALA A 212 -8.12 -3.95 6.05
N GLY A 213 -9.34 -3.53 6.33
CA GLY A 213 -9.63 -2.92 7.62
C GLY A 213 -11.08 -3.14 8.02
N GLU A 214 -11.48 -2.47 9.09
N GLU A 214 -11.50 -2.47 9.08
CA GLU A 214 -12.82 -2.59 9.59
CA GLU A 214 -12.86 -2.62 9.55
C GLU A 214 -13.81 -1.94 8.64
C GLU A 214 -13.86 -1.90 8.67
N ARG A 215 -15.09 -2.17 8.92
N ARG A 215 -15.14 -2.18 8.88
CA ARG A 215 -16.16 -1.60 8.12
CA ARG A 215 -16.21 -1.56 8.10
C ARG A 215 -16.01 -1.74 6.60
C ARG A 215 -16.07 -1.75 6.59
N GLY A 216 -15.67 -2.95 6.18
CA GLY A 216 -15.52 -3.26 4.76
C GLY A 216 -14.40 -2.57 4.00
N SER A 217 -13.47 -1.93 4.70
N SER A 217 -13.46 -1.99 4.71
CA SER A 217 -12.37 -1.24 4.03
CA SER A 217 -12.36 -1.29 4.06
C SER A 217 -11.41 -2.21 3.36
C SER A 217 -11.45 -2.27 3.32
N ARG A 218 -11.06 -1.90 2.12
CA ARG A 218 -10.17 -2.75 1.33
C ARG A 218 -9.47 -1.85 0.32
N GLY A 219 -8.26 -2.21 -0.10
CA GLY A 219 -7.58 -1.38 -1.05
C GLY A 219 -6.28 -1.96 -1.53
N ILE A 220 -5.67 -1.29 -2.51
CA ILE A 220 -4.41 -1.75 -3.05
C ILE A 220 -3.73 -0.63 -3.79
N ILE A 221 -2.40 -0.59 -3.69
CA ILE A 221 -1.61 0.38 -4.45
C ILE A 221 -0.68 -0.49 -5.30
N ALA A 222 -0.38 -0.08 -6.52
CA ALA A 222 0.49 -0.90 -7.35
C ALA A 222 1.22 -0.15 -8.46
N ALA A 223 2.34 -0.73 -8.88
CA ALA A 223 3.08 -0.24 -10.04
C ALA A 223 3.04 -1.51 -10.90
N LEU A 224 2.48 -1.44 -12.11
CA LEU A 224 2.38 -2.65 -12.92
C LEU A 224 2.54 -2.33 -14.40
N GLY A 225 2.72 -3.37 -15.20
CA GLY A 225 2.84 -3.17 -16.63
C GLY A 225 3.16 -4.44 -17.37
N PRO A 226 2.99 -4.43 -18.68
CA PRO A 226 3.27 -5.63 -19.48
C PRO A 226 4.78 -5.76 -19.73
N ASP A 227 5.18 -6.91 -20.28
N ASP A 227 5.18 -6.89 -20.30
CA ASP A 227 6.56 -7.24 -20.62
CA ASP A 227 6.58 -7.10 -20.63
C ASP A 227 7.57 -7.18 -19.46
C ASP A 227 7.55 -7.03 -19.44
N GLY A 228 7.10 -7.53 -18.28
CA GLY A 228 7.97 -7.56 -17.11
C GLY A 228 8.50 -6.27 -16.49
N LYS A 229 7.91 -5.13 -16.84
N LYS A 229 7.91 -5.13 -16.86
CA LYS A 229 8.33 -3.86 -16.26
CA LYS A 229 8.33 -3.83 -16.34
C LYS A 229 7.11 -3.01 -15.97
C LYS A 229 7.12 -2.97 -16.01
N PRO A 230 7.16 -2.21 -14.90
CA PRO A 230 6.00 -1.38 -14.61
C PRO A 230 5.94 -0.14 -15.50
N SER A 231 4.74 0.36 -15.79
CA SER A 231 4.64 1.60 -16.58
C SER A 231 3.49 2.46 -16.10
N ARG A 232 2.75 1.97 -15.10
N ARG A 232 2.75 1.97 -15.10
CA ARG A 232 1.64 2.75 -14.55
CA ARG A 232 1.60 2.70 -14.59
C ARG A 232 1.49 2.46 -13.08
C ARG A 232 1.39 2.43 -13.11
N ILE A 233 0.85 3.41 -12.40
CA ILE A 233 0.56 3.26 -10.99
C ILE A 233 -0.95 3.26 -10.89
N VAL A 234 -1.47 2.33 -10.10
N VAL A 234 -1.49 2.33 -10.11
CA VAL A 234 -2.90 2.22 -9.87
CA VAL A 234 -2.94 2.31 -9.90
C VAL A 234 -3.18 2.19 -8.37
C VAL A 234 -3.18 2.20 -8.40
N VAL A 235 -4.18 2.93 -7.92
CA VAL A 235 -4.53 2.95 -6.51
C VAL A 235 -6.04 2.77 -6.45
N ILE A 236 -6.49 1.85 -5.58
CA ILE A 236 -7.92 1.58 -5.45
C ILE A 236 -8.26 1.44 -3.98
N TYR A 237 -9.30 2.13 -3.54
CA TYR A 237 -9.74 2.05 -2.15
C TYR A 237 -11.25 1.96 -2.09
N THR A 238 -11.74 1.30 -1.05
CA THR A 238 -13.18 1.28 -0.79
C THR A 238 -13.37 1.15 0.71
N THR A 239 -14.46 1.70 1.22
CA THR A 239 -14.75 1.59 2.64
C THR A 239 -16.25 1.75 2.81
N GLY A 240 -16.78 1.10 3.83
CA GLY A 240 -18.21 1.19 4.12
C GLY A 240 -19.12 0.07 3.67
N SER A 241 -18.64 -0.82 2.80
CA SER A 241 -19.46 -1.93 2.31
C SER A 241 -19.73 -3.04 3.31
N GLN A 242 -20.93 -3.62 3.21
N GLN A 242 -20.92 -3.63 3.24
CA GLN A 242 -21.36 -4.73 4.05
CA GLN A 242 -21.24 -4.74 4.14
C GLN A 242 -20.95 -6.04 3.40
C GLN A 242 -20.81 -6.03 3.47
N ALA A 243 -20.35 -5.93 2.22
CA ALA A 243 -19.94 -7.10 1.46
C ALA A 243 -18.85 -7.94 2.09
N THR A 244 -18.88 -9.23 1.77
CA THR A 244 -17.88 -10.16 2.29
C THR A 244 -16.53 -9.81 1.67
N MET A 245 -15.49 -10.34 2.30
CA MET A 245 -14.12 -10.16 1.85
C MET A 245 -14.03 -10.68 0.41
N ASP A 246 -14.63 -11.84 0.17
CA ASP A 246 -14.63 -12.45 -1.16
C ASP A 246 -15.22 -11.53 -2.21
N GLU A 247 -16.33 -10.88 -1.88
N GLU A 247 -16.33 -10.88 -1.86
CA GLU A 247 -16.96 -9.98 -2.84
CA GLU A 247 -17.00 -9.96 -2.77
C GLU A 247 -16.14 -8.72 -3.05
C GLU A 247 -16.17 -8.72 -3.03
N ARG A 248 -15.55 -8.18 -1.98
CA ARG A 248 -14.73 -6.99 -2.13
C ARG A 248 -13.50 -7.34 -2.98
N ASN A 249 -12.92 -8.52 -2.73
CA ASN A 249 -11.76 -8.95 -3.52
C ASN A 249 -12.14 -9.08 -4.99
N ARG A 250 -13.29 -9.70 -5.25
N ARG A 250 -13.29 -9.70 -5.25
CA ARG A 250 -13.74 -9.90 -6.62
CA ARG A 250 -13.75 -9.91 -6.62
C ARG A 250 -13.94 -8.59 -7.37
C ARG A 250 -13.95 -8.59 -7.37
N GLN A 251 -14.55 -7.61 -6.70
CA GLN A 251 -14.77 -6.33 -7.35
C GLN A 251 -13.43 -5.70 -7.74
N ILE A 252 -12.42 -5.79 -6.87
CA ILE A 252 -11.14 -5.18 -7.18
C ILE A 252 -10.48 -5.96 -8.31
N ALA A 253 -10.56 -7.29 -8.26
CA ALA A 253 -9.98 -8.09 -9.33
C ALA A 253 -10.66 -7.78 -10.67
N GLU A 254 -11.97 -7.48 -10.68
CA GLU A 254 -12.62 -7.18 -11.95
C GLU A 254 -12.22 -5.80 -12.48
N ILE A 255 -11.95 -4.86 -11.59
CA ILE A 255 -11.46 -3.56 -12.05
C ILE A 255 -10.11 -3.88 -12.72
N GLY A 256 -9.30 -4.72 -12.07
CA GLY A 256 -8.03 -5.10 -12.64
C GLY A 256 -8.15 -5.75 -14.01
N ALA A 257 -9.10 -6.67 -14.17
CA ALA A 257 -9.26 -7.33 -15.46
C ALA A 257 -9.56 -6.32 -16.55
N SER A 258 -10.34 -5.28 -16.22
CA SER A 258 -10.70 -4.27 -17.20
C SER A 258 -9.48 -3.41 -17.58
N LEU A 259 -8.72 -3.04 -16.55
CA LEU A 259 -7.52 -2.23 -16.74
C LEU A 259 -6.57 -2.93 -17.70
N ILE A 260 -6.43 -4.24 -17.53
CA ILE A 260 -5.55 -5.07 -18.34
C ILE A 260 -6.07 -5.23 -19.75
N LYS A 261 -7.36 -5.52 -19.87
CA LYS A 261 -7.99 -5.73 -21.18
C LYS A 261 -7.86 -4.52 -22.11
N HIS A 262 -8.06 -3.33 -21.55
CA HIS A 262 -8.02 -2.07 -22.28
C HIS A 262 -6.72 -1.27 -22.14
N TRP A 263 -5.69 -1.93 -21.65
CA TRP A 263 -4.39 -1.27 -21.43
C TRP A 263 -3.94 -0.41 -22.60
K K B . 3.73 -6.95 -2.44
CAF SM2 C . -7.48 -6.91 8.68
CAC SM2 C . -8.71 -7.44 8.20
CAB SM2 C . -9.79 -7.00 8.92
SAD SM2 C . -9.30 -5.94 10.17
CAE SM2 C . -7.64 -6.07 9.75
CAG SM2 C . -6.56 -5.32 10.51
CAH SM2 C . -5.14 -5.54 10.01
OAI SM2 C . -4.27 -6.07 10.70
NAJ SM2 C . -4.92 -5.04 8.74
CAK SM2 C . -3.60 -5.10 8.10
B SM2 C . -3.32 -3.70 7.31
OAT SM2 C . -4.40 -3.41 6.34
OAO SM2 C . -3.32 -2.60 8.32
CAL SM2 C . -3.54 -6.31 7.16
CAQ SM2 C . -3.88 -6.25 5.78
CAM SM2 C . -3.13 -7.55 7.72
CAN SM2 C . -3.07 -8.71 6.91
CAS SM2 C . -3.40 -8.65 5.55
CAR SM2 C . -3.81 -7.42 4.98
CAU SM2 C . -4.16 -7.38 3.52
OAW SM2 C . -3.66 -6.48 2.83
OAV SM2 C . -4.92 -8.25 3.05
CAF SM2 D . -20.06 -0.83 7.74
CAC SM2 D . -19.49 -1.68 6.75
CAB SM2 D . -19.35 -2.99 7.20
SAD SM2 D . -19.90 -3.15 8.82
CAE SM2 D . -20.33 -1.49 8.89
CAG SM2 D . -20.95 -0.83 10.12
CAH SM2 D . -22.15 -1.64 10.67
OAI SM2 D . -22.56 -1.51 11.82
NAJ SM2 D . -22.70 -2.52 9.78
CAK SM2 D . -23.84 -3.36 10.17
B SM2 D . -23.28 -4.85 10.33
OAT SM2 D . -23.61 -5.63 11.52
OAO SM2 D . -22.38 -5.43 9.31
CAL SM2 D . -24.91 -3.27 9.09
CAQ SM2 D . -25.30 -2.00 8.56
CAM SM2 D . -25.52 -4.46 8.60
CAN SM2 D . -26.52 -4.38 7.58
CAS SM2 D . -26.91 -3.11 7.05
CAR SM2 D . -26.29 -1.91 7.55
CAU SM2 D . -26.69 -0.54 6.99
OAW SM2 D . -26.02 0.46 7.34
OAV SM2 D . -27.65 -0.46 6.20
#